data_8F83
#
_entry.id   8F83
#
_cell.length_a   29.225
_cell.length_b   70.758
_cell.length_c   36.067
_cell.angle_alpha   90.00
_cell.angle_beta   111.28
_cell.angle_gamma   90.00
#
_symmetry.space_group_name_H-M   'P 1 21 1'
#
loop_
_entity.id
_entity.type
_entity.pdbx_description
1 polymer 'Dihydrofolate reductase'
2 non-polymer 'NADP NICOTINAMIDE-ADENINE-DINUCLEOTIDE PHOSPHATE'
3 non-polymer '3-{2-[3-({2,4-diamino-6-[4-(trifluoromethyl)phenyl]pyrimidin-5-yl}oxy)propoxy]phenyl}propanoic acid'
4 non-polymer IMIDAZOLE
5 water water
#
_entity_poly.entity_id   1
_entity_poly.type   'polypeptide(L)'
_entity_poly.pdbx_seq_one_letter_code
;MAHHHHHHMTSVGLIWAQSTSGVIGRDGGIPWRLPEDLAHFKRLTMGHTVVMGRRTWDSLPAAHRPLPGRRNVVVTRQTG
LVAHGAQVVGSLEQALSPAEPDAETWVIGGAQIYALALPLANRCEVTEVDVDLPPEDEDALAPVLDQTWAGTSGEWLVSR
SGLRYRMHSYRRL
;
_entity_poly.pdbx_strand_id   A
#
loop_
_chem_comp.id
_chem_comp.type
_chem_comp.name
_chem_comp.formula
IMD non-polymer IMIDAZOLE 'C3 H5 N2 1'
NAP non-polymer 'NADP NICOTINAMIDE-ADENINE-DINUCLEOTIDE PHOSPHATE' 'C21 H28 N7 O17 P3'
XJZ non-polymer '3-{2-[3-({2,4-diamino-6-[4-(trifluoromethyl)phenyl]pyrimidin-5-yl}oxy)propoxy]phenyl}propanoic acid' 'C23 H23 F3 N4 O4'
#
# COMPACT_ATOMS: atom_id res chain seq x y z
N THR A 10 5.34 15.77 -5.37
CA THR A 10 4.38 16.27 -6.34
C THR A 10 3.78 15.06 -7.05
N SER A 11 4.64 14.08 -7.36
CA SER A 11 4.19 12.82 -7.94
C SER A 11 3.55 11.96 -6.85
N VAL A 12 2.40 11.37 -7.13
CA VAL A 12 1.66 10.59 -6.14
C VAL A 12 1.50 9.19 -6.68
N GLY A 13 1.96 8.20 -5.93
CA GLY A 13 1.91 6.80 -6.35
C GLY A 13 1.11 6.00 -5.35
N LEU A 14 0.31 5.07 -5.84
CA LEU A 14 -0.31 4.05 -5.00
C LEU A 14 0.55 2.80 -5.08
N ILE A 15 0.75 2.14 -3.96
CA ILE A 15 1.45 0.87 -3.91
C ILE A 15 0.69 -0.09 -3.02
N TRP A 16 0.40 -1.29 -3.54
CA TRP A 16 -0.33 -2.30 -2.79
C TRP A 16 0.02 -3.69 -3.27
N ALA A 17 -0.27 -4.68 -2.43
CA ALA A 17 -0.20 -6.10 -2.81
C ALA A 17 -1.59 -6.71 -2.69
N GLN A 18 -1.94 -7.59 -3.62
CA GLN A 18 -3.27 -8.17 -3.66
C GLN A 18 -3.17 -9.63 -4.06
N SER A 19 -4.14 -10.41 -3.63
CA SER A 19 -4.31 -11.72 -4.22
C SER A 19 -4.86 -11.57 -5.64
N THR A 20 -4.72 -12.66 -6.41
CA THR A 20 -5.30 -12.66 -7.75
C THR A 20 -6.79 -12.26 -7.72
N SER A 21 -7.52 -12.70 -6.68
CA SER A 21 -8.95 -12.36 -6.59
C SER A 21 -9.19 -10.90 -6.22
N GLY A 22 -8.17 -10.15 -5.84
CA GLY A 22 -8.35 -8.75 -5.52
C GLY A 22 -8.43 -8.41 -4.05
N VAL A 23 -8.18 -9.35 -3.16
CA VAL A 23 -8.20 -9.08 -1.71
C VAL A 23 -6.91 -8.39 -1.31
N ILE A 24 -7.03 -7.30 -0.57
CA ILE A 24 -5.87 -6.67 0.04
C ILE A 24 -5.85 -6.77 1.56
N GLY A 25 -6.97 -7.01 2.21
CA GLY A 25 -7.01 -6.96 3.66
C GLY A 25 -8.13 -7.83 4.18
N ARG A 26 -7.89 -8.45 5.34
CA ARG A 26 -8.87 -9.32 5.99
C ARG A 26 -8.56 -9.35 7.49
N ASP A 27 -9.60 -9.22 8.29
CA ASP A 27 -9.48 -9.35 9.76
C ASP A 27 -8.47 -8.38 10.34
N GLY A 28 -8.41 -7.16 9.80
CA GLY A 28 -7.48 -6.17 10.29
C GLY A 28 -6.04 -6.41 9.92
N GLY A 29 -5.78 -7.32 8.99
CA GLY A 29 -4.43 -7.56 8.54
C GLY A 29 -4.36 -7.93 7.08
N ILE A 30 -3.29 -8.59 6.69
CA ILE A 30 -3.06 -9.00 5.32
C ILE A 30 -2.97 -10.52 5.29
N PRO A 31 -3.85 -11.22 4.54
CA PRO A 31 -4.01 -12.68 4.70
C PRO A 31 -2.99 -13.57 3.98
N TRP A 32 -1.77 -13.10 3.74
CA TRP A 32 -0.71 -13.95 3.23
C TRP A 32 0.62 -13.40 3.75
N ARG A 33 1.68 -14.17 3.55
CA ARG A 33 3.03 -13.72 3.84
CA ARG A 33 3.03 -13.72 3.84
C ARG A 33 3.88 -13.89 2.59
N LEU A 34 4.51 -12.81 2.17
CA LEU A 34 5.34 -12.82 0.97
C LEU A 34 6.53 -11.93 1.22
N PRO A 35 7.62 -12.49 1.78
CA PRO A 35 8.82 -11.67 2.13
C PRO A 35 9.35 -10.85 0.98
N GLU A 36 9.35 -11.41 -0.22
CA GLU A 36 9.85 -10.68 -1.39
C GLU A 36 9.06 -9.39 -1.65
N ASP A 37 7.75 -9.39 -1.34
CA ASP A 37 6.97 -8.19 -1.55
C ASP A 37 7.29 -7.14 -0.50
N LEU A 38 7.56 -7.55 0.75
CA LEU A 38 7.95 -6.57 1.74
C LEU A 38 9.26 -5.89 1.35
N ALA A 39 10.22 -6.65 0.81
CA ALA A 39 11.47 -6.06 0.34
C ALA A 39 11.22 -5.07 -0.80
N HIS A 40 10.36 -5.45 -1.74
CA HIS A 40 9.98 -4.57 -2.85
C HIS A 40 9.37 -3.29 -2.32
N PHE A 41 8.42 -3.41 -1.37
CA PHE A 41 7.75 -2.25 -0.79
C PHE A 41 8.75 -1.31 -0.12
N LYS A 42 9.68 -1.88 0.64
CA LYS A 42 10.73 -1.06 1.28
C LYS A 42 11.60 -0.34 0.26
N ARG A 43 12.03 -1.05 -0.80
CA ARG A 43 12.88 -0.44 -1.81
CA ARG A 43 12.88 -0.43 -1.79
C ARG A 43 12.20 0.75 -2.47
N LEU A 44 10.92 0.60 -2.81
CA LEU A 44 10.22 1.67 -3.52
CA LEU A 44 10.22 1.67 -3.51
C LEU A 44 9.92 2.86 -2.62
N THR A 45 9.69 2.63 -1.31
CA THR A 45 9.24 3.72 -0.44
C THR A 45 10.35 4.34 0.41
N MET A 46 11.51 3.70 0.55
CA MET A 46 12.51 4.19 1.49
CA MET A 46 12.53 4.18 1.49
C MET A 46 12.94 5.60 1.13
N GLY A 47 13.05 6.45 2.16
CA GLY A 47 13.38 7.85 1.98
C GLY A 47 12.29 8.75 1.49
N HIS A 48 11.04 8.27 1.36
CA HIS A 48 9.95 9.07 0.86
C HIS A 48 8.86 9.19 1.92
N THR A 49 7.93 10.07 1.65
CA THR A 49 6.73 10.17 2.47
C THR A 49 5.80 9.01 2.15
N VAL A 50 5.23 8.40 3.18
CA VAL A 50 4.20 7.36 3.03
C VAL A 50 2.92 7.86 3.71
N VAL A 51 1.81 7.79 2.97
CA VAL A 51 0.50 8.24 3.44
C VAL A 51 -0.37 7.01 3.59
N MET A 52 -1.06 6.91 4.72
CA MET A 52 -1.90 5.75 4.98
C MET A 52 -3.14 6.17 5.76
N GLY A 53 -4.21 5.38 5.63
CA GLY A 53 -5.36 5.55 6.49
C GLY A 53 -5.10 5.08 7.90
N ARG A 54 -5.93 5.57 8.82
CA ARG A 54 -5.70 5.31 10.24
C ARG A 54 -5.81 3.81 10.56
N ARG A 55 -6.74 3.09 9.91
CA ARG A 55 -6.85 1.68 10.21
CA ARG A 55 -6.86 1.67 10.20
C ARG A 55 -5.57 0.93 9.84
N THR A 56 -4.97 1.25 8.69
CA THR A 56 -3.67 0.67 8.32
C THR A 56 -2.60 1.01 9.36
N TRP A 57 -2.58 2.26 9.85
CA TRP A 57 -1.64 2.63 10.91
C TRP A 57 -1.78 1.70 12.12
N ASP A 58 -3.02 1.50 12.58
CA ASP A 58 -3.22 0.63 13.75
C ASP A 58 -2.99 -0.84 13.42
N SER A 59 -3.02 -1.21 12.14
CA SER A 59 -2.79 -2.59 11.73
C SER A 59 -1.32 -2.97 11.69
N LEU A 60 -0.42 -1.99 11.76
CA LEU A 60 0.99 -2.31 11.65
C LEU A 60 1.44 -3.07 12.90
N PRO A 61 2.21 -4.13 12.75
CA PRO A 61 2.85 -4.71 13.93
C PRO A 61 3.75 -3.66 14.58
N ALA A 62 3.90 -3.78 15.90
CA ALA A 62 4.62 -2.76 16.68
C ALA A 62 6.04 -2.53 16.18
N ALA A 63 6.71 -3.58 15.69
CA ALA A 63 8.07 -3.40 15.22
C ALA A 63 8.13 -2.54 13.98
N HIS A 64 7.02 -2.42 13.24
CA HIS A 64 6.95 -1.74 11.96
C HIS A 64 6.22 -0.40 12.01
N ARG A 65 5.90 0.08 13.20
CA ARG A 65 5.13 1.34 13.29
C ARG A 65 5.90 2.32 14.16
N PRO A 66 6.39 3.45 13.63
CA PRO A 66 6.24 3.94 12.25
C PRO A 66 7.14 3.13 11.29
N LEU A 67 6.89 3.20 9.98
CA LEU A 67 7.77 2.57 9.00
CA LEU A 67 7.78 2.57 9.00
C LEU A 67 9.12 3.29 9.05
N PRO A 68 10.21 2.60 9.37
CA PRO A 68 11.48 3.30 9.57
CA PRO A 68 11.48 3.32 9.58
C PRO A 68 12.03 3.88 8.27
N GLY A 69 12.67 5.05 8.38
CA GLY A 69 13.30 5.68 7.23
C GLY A 69 12.35 6.39 6.28
N ARG A 70 11.10 6.56 6.67
CA ARG A 70 10.11 7.19 5.84
C ARG A 70 9.32 8.14 6.72
N ARG A 71 8.80 9.21 6.13
CA ARG A 71 7.95 10.13 6.86
CA ARG A 71 7.95 10.13 6.87
C ARG A 71 6.54 9.57 6.83
N ASN A 72 6.01 9.23 8.00
CA ASN A 72 4.73 8.54 8.13
C ASN A 72 3.63 9.56 8.35
N VAL A 73 2.70 9.65 7.40
CA VAL A 73 1.55 10.55 7.48
C VAL A 73 0.27 9.74 7.53
N VAL A 74 -0.58 10.00 8.55
CA VAL A 74 -1.79 9.21 8.77
C VAL A 74 -3.02 10.08 8.59
N VAL A 75 -3.94 9.61 7.74
CA VAL A 75 -5.18 10.33 7.43
C VAL A 75 -6.26 9.85 8.38
N THR A 76 -6.84 10.77 9.15
CA THR A 76 -7.81 10.44 10.18
C THR A 76 -8.73 11.65 10.39
N ARG A 77 -9.94 11.37 10.84
CA ARG A 77 -10.83 12.44 11.29
C ARG A 77 -10.68 12.76 12.78
N GLN A 78 -9.91 11.96 13.51
CA GLN A 78 -9.70 12.21 14.94
C GLN A 78 -8.69 13.34 15.18
N THR A 79 -8.72 13.89 16.41
CA THR A 79 -7.76 14.93 16.77
C THR A 79 -6.32 14.40 16.72
N GLY A 80 -6.09 13.19 17.22
CA GLY A 80 -4.76 12.61 17.24
C GLY A 80 -4.93 11.18 17.68
N LEU A 81 -3.80 10.49 17.78
CA LEU A 81 -3.80 9.04 17.91
C LEU A 81 -3.06 8.59 19.17
N VAL A 82 -3.42 7.41 19.66
CA VAL A 82 -2.73 6.84 20.81
C VAL A 82 -1.40 6.24 20.41
N ALA A 83 -1.34 5.59 19.23
CA ALA A 83 -0.12 4.95 18.73
C ALA A 83 0.84 5.97 18.14
N HIS A 84 2.06 6.03 18.67
CA HIS A 84 3.01 7.10 18.39
C HIS A 84 3.76 6.89 17.09
N GLY A 85 4.21 8.01 16.52
CA GLY A 85 5.17 7.99 15.41
C GLY A 85 4.62 8.60 14.13
N ALA A 86 3.36 9.01 14.07
CA ALA A 86 2.75 9.53 12.86
C ALA A 86 2.67 11.04 12.94
N GLN A 87 2.54 11.62 11.75
CA GLN A 87 2.08 12.99 11.61
C GLN A 87 0.64 12.88 11.12
N VAL A 88 -0.32 13.45 11.87
CA VAL A 88 -1.74 13.28 11.51
C VAL A 88 -2.19 14.42 10.62
N VAL A 89 -3.04 14.07 9.66
CA VAL A 89 -3.70 15.04 8.79
C VAL A 89 -5.17 14.67 8.69
N GLY A 90 -6.00 15.65 8.36
CA GLY A 90 -7.43 15.45 8.28
C GLY A 90 -8.00 15.21 6.89
N SER A 91 -7.13 15.16 5.87
CA SER A 91 -7.57 14.95 4.50
C SER A 91 -6.38 14.53 3.64
N LEU A 92 -6.68 13.91 2.50
CA LEU A 92 -5.62 13.52 1.59
C LEU A 92 -4.89 14.74 1.04
N GLU A 93 -5.62 15.81 0.74
CA GLU A 93 -4.98 17.03 0.24
C GLU A 93 -3.97 17.57 1.24
N GLN A 94 -4.32 17.55 2.52
CA GLN A 94 -3.39 18.00 3.55
C GLN A 94 -2.16 17.08 3.62
N ALA A 95 -2.34 15.79 3.35
CA ALA A 95 -1.21 14.85 3.34
C ALA A 95 -0.25 15.12 2.21
N LEU A 96 -0.75 15.65 1.09
CA LEU A 96 0.03 15.69 -0.15
C LEU A 96 0.80 16.98 -0.35
N SER A 97 0.44 18.04 0.35
CA SER A 97 1.11 19.30 0.16
C SER A 97 1.62 19.79 1.51
N PRO A 98 2.85 20.33 1.57
CA PRO A 98 3.83 20.43 0.47
C PRO A 98 4.42 19.09 0.04
N ALA A 103 10.29 14.19 -3.65
CA ALA A 103 9.51 14.33 -4.88
C ALA A 103 8.48 13.20 -5.09
N GLU A 104 8.49 12.20 -4.24
CA GLU A 104 7.64 11.04 -4.44
C GLU A 104 6.84 10.82 -3.18
N THR A 105 5.52 10.81 -3.30
CA THR A 105 4.64 10.55 -2.15
C THR A 105 3.89 9.25 -2.43
N TRP A 106 4.02 8.29 -1.54
CA TRP A 106 3.46 6.96 -1.76
C TRP A 106 2.25 6.77 -0.84
N VAL A 107 1.13 6.42 -1.44
CA VAL A 107 -0.07 6.06 -0.70
C VAL A 107 -0.06 4.53 -0.51
N ILE A 108 -0.04 4.09 0.74
CA ILE A 108 0.31 2.71 1.04
C ILE A 108 -0.85 1.93 1.66
N GLY A 109 -2.05 2.49 1.62
CA GLY A 109 -3.28 1.81 2.00
C GLY A 109 -4.02 2.51 3.12
N GLY A 110 -5.18 1.97 3.45
CA GLY A 110 -5.79 0.81 2.86
C GLY A 110 -6.83 1.17 1.79
N ALA A 111 -7.91 0.36 1.71
CA ALA A 111 -8.87 0.52 0.62
C ALA A 111 -9.52 1.90 0.63
N GLN A 112 -9.88 2.41 1.81
CA GLN A 112 -10.50 3.73 1.85
C GLN A 112 -9.56 4.82 1.36
N ILE A 113 -8.30 4.76 1.78
CA ILE A 113 -7.36 5.80 1.37
C ILE A 113 -6.94 5.62 -0.09
N TYR A 114 -6.95 4.37 -0.58
CA TYR A 114 -6.71 4.17 -2.03
C TYR A 114 -7.81 4.83 -2.84
N ALA A 115 -9.07 4.72 -2.41
CA ALA A 115 -10.17 5.32 -3.15
C ALA A 115 -10.02 6.84 -3.18
N LEU A 116 -9.57 7.43 -2.08
CA LEU A 116 -9.40 8.89 -2.05
C LEU A 116 -8.28 9.34 -2.95
N ALA A 117 -7.19 8.57 -3.00
CA ALA A 117 -6.01 8.96 -3.75
C ALA A 117 -6.04 8.60 -5.22
N LEU A 118 -6.87 7.64 -5.61
CA LEU A 118 -6.90 7.18 -7.01
C LEU A 118 -7.10 8.31 -8.01
N PRO A 119 -8.02 9.26 -7.82
CA PRO A 119 -8.17 10.36 -8.80
C PRO A 119 -6.96 11.27 -8.90
N LEU A 120 -6.06 11.26 -7.90
CA LEU A 120 -4.92 12.16 -7.87
C LEU A 120 -3.62 11.52 -8.31
N ALA A 121 -3.59 10.19 -8.44
CA ALA A 121 -2.33 9.49 -8.60
C ALA A 121 -1.81 9.55 -10.03
N ASN A 122 -0.49 9.48 -10.17
CA ASN A 122 0.06 9.30 -11.51
C ASN A 122 0.74 7.95 -11.70
N ARG A 123 0.89 7.14 -10.65
CA ARG A 123 1.50 5.83 -10.75
C ARG A 123 0.82 4.86 -9.79
N CYS A 124 0.74 3.59 -10.19
CA CYS A 124 0.36 2.49 -9.32
C CYS A 124 1.38 1.38 -9.44
N GLU A 125 1.83 0.85 -8.31
CA GLU A 125 2.77 -0.27 -8.25
C GLU A 125 2.08 -1.40 -7.50
N VAL A 126 1.75 -2.47 -8.21
CA VAL A 126 0.94 -3.56 -7.71
C VAL A 126 1.79 -4.81 -7.62
N THR A 127 1.69 -5.53 -6.52
CA THR A 127 2.15 -6.91 -6.44
C THR A 127 0.93 -7.80 -6.46
N GLU A 128 0.91 -8.74 -7.40
CA GLU A 128 -0.10 -9.78 -7.42
C GLU A 128 0.48 -11.04 -6.82
N VAL A 129 -0.22 -11.60 -5.84
CA VAL A 129 0.16 -12.82 -5.15
C VAL A 129 -0.81 -13.92 -5.59
N ASP A 130 -0.27 -15.01 -6.12
CA ASP A 130 -1.12 -16.11 -6.58
C ASP A 130 -1.42 -17.06 -5.41
N VAL A 131 -2.26 -16.55 -4.54
CA VAL A 131 -2.79 -17.28 -3.39
C VAL A 131 -4.29 -17.30 -3.59
N ASP A 132 -4.90 -18.46 -3.32
CA ASP A 132 -6.33 -18.68 -3.60
C ASP A 132 -7.14 -18.21 -2.40
N LEU A 133 -7.64 -16.99 -2.50
CA LEU A 133 -8.42 -16.35 -1.43
C LEU A 133 -9.72 -15.82 -2.01
N PRO A 134 -10.73 -16.66 -2.11
CA PRO A 134 -12.03 -16.18 -2.53
C PRO A 134 -12.49 -15.09 -1.58
N PRO A 135 -12.96 -13.95 -2.08
CA PRO A 135 -13.32 -12.83 -1.18
C PRO A 135 -14.39 -13.23 -0.16
N GLU A 136 -14.18 -12.80 1.09
CA GLU A 136 -15.12 -12.96 2.19
C GLU A 136 -15.76 -11.62 2.49
N ASP A 137 -16.84 -11.67 3.31
CA ASP A 137 -17.81 -10.56 3.41
C ASP A 137 -17.21 -9.26 3.87
N GLU A 138 -16.20 -9.31 4.73
CA GLU A 138 -15.63 -8.08 5.26
C GLU A 138 -14.28 -7.73 4.65
N ASP A 139 -13.89 -8.35 3.54
CA ASP A 139 -12.57 -8.10 3.02
C ASP A 139 -12.44 -6.69 2.45
N ALA A 140 -11.21 -6.18 2.52
CA ALA A 140 -10.85 -4.96 1.80
C ALA A 140 -10.29 -5.43 0.45
N LEU A 141 -10.76 -4.81 -0.62
CA LEU A 141 -10.41 -5.18 -1.99
C LEU A 141 -9.58 -4.10 -2.64
N ALA A 142 -8.80 -4.50 -3.65
CA ALA A 142 -7.97 -3.57 -4.40
C ALA A 142 -8.84 -2.65 -5.24
N PRO A 143 -8.40 -1.41 -5.43
CA PRO A 143 -9.12 -0.53 -6.36
C PRO A 143 -8.98 -1.01 -7.79
N VAL A 144 -10.00 -0.73 -8.56
CA VAL A 144 -10.05 -1.05 -9.97
C VAL A 144 -9.53 0.12 -10.79
N LEU A 145 -8.65 -0.16 -11.75
CA LEU A 145 -8.10 0.89 -12.60
C LEU A 145 -8.87 1.07 -13.90
N ASP A 146 -9.14 2.32 -14.26
CA ASP A 146 -9.97 2.64 -15.41
C ASP A 146 -9.10 2.84 -16.64
N GLN A 147 -9.73 3.34 -17.71
CA GLN A 147 -9.09 3.57 -19.01
C GLN A 147 -8.02 4.66 -19.01
N THR A 148 -7.81 5.39 -17.91
CA THR A 148 -6.76 6.41 -17.87
C THR A 148 -5.39 5.84 -17.49
N TRP A 149 -5.28 4.53 -17.29
CA TRP A 149 -4.03 3.90 -16.86
C TRP A 149 -3.46 2.99 -17.93
N ALA A 150 -2.15 3.05 -18.11
CA ALA A 150 -1.44 2.12 -18.97
C ALA A 150 -0.48 1.34 -18.11
N GLY A 151 -0.34 0.06 -18.37
CA GLY A 151 0.41 -0.80 -17.47
C GLY A 151 1.34 -1.74 -18.20
N THR A 152 2.34 -2.20 -17.45
CA THR A 152 3.25 -3.26 -17.87
C THR A 152 3.38 -4.25 -16.71
N SER A 153 3.69 -5.49 -17.01
CA SER A 153 3.71 -6.55 -16.02
C SER A 153 5.04 -7.28 -16.10
N GLY A 154 5.59 -7.58 -14.94
CA GLY A 154 6.77 -8.43 -14.90
C GLY A 154 6.41 -9.90 -14.99
N GLU A 155 7.43 -10.72 -15.16
CA GLU A 155 7.26 -12.16 -15.20
C GLU A 155 6.80 -12.73 -13.86
N TRP A 156 6.18 -13.90 -13.90
CA TRP A 156 5.87 -14.62 -12.67
C TRP A 156 7.16 -15.06 -12.00
N LEU A 157 7.24 -14.87 -10.70
CA LEU A 157 8.38 -15.19 -9.85
C LEU A 157 7.90 -16.17 -8.80
N VAL A 158 8.83 -16.95 -8.24
CA VAL A 158 8.53 -17.93 -7.21
C VAL A 158 9.19 -17.47 -5.92
N SER A 159 8.39 -17.29 -4.87
CA SER A 159 9.01 -16.89 -3.61
CA SER A 159 8.91 -16.92 -3.55
C SER A 159 9.67 -18.09 -2.91
N ARG A 160 10.57 -17.78 -1.97
CA ARG A 160 11.19 -18.85 -1.20
C ARG A 160 10.16 -19.63 -0.40
N SER A 161 9.00 -19.03 -0.09
CA SER A 161 7.84 -19.68 0.54
C SER A 161 7.00 -20.51 -0.42
N GLY A 162 7.31 -20.49 -1.73
CA GLY A 162 6.59 -21.29 -2.68
C GLY A 162 5.50 -20.58 -3.44
N LEU A 163 5.00 -19.44 -2.94
CA LEU A 163 3.92 -18.75 -3.67
C LEU A 163 4.47 -18.06 -4.90
N ARG A 164 3.69 -18.09 -5.97
CA ARG A 164 4.03 -17.30 -7.15
CA ARG A 164 4.02 -17.30 -7.15
C ARG A 164 3.52 -15.87 -6.99
N TYR A 165 4.27 -14.94 -7.55
CA TYR A 165 3.92 -13.53 -7.46
C TYR A 165 4.52 -12.79 -8.64
N ARG A 166 4.09 -11.56 -8.83
CA ARG A 166 4.61 -10.73 -9.92
C ARG A 166 4.21 -9.29 -9.64
N MET A 167 4.83 -8.38 -10.35
CA MET A 167 4.61 -6.95 -10.19
C MET A 167 4.00 -6.37 -11.46
N HIS A 168 3.02 -5.50 -11.29
CA HIS A 168 2.46 -4.71 -12.36
C HIS A 168 2.76 -3.25 -12.04
N SER A 169 3.04 -2.45 -13.05
CA SER A 169 3.35 -1.02 -12.88
C SER A 169 2.49 -0.24 -13.84
N TYR A 170 1.71 0.69 -13.32
CA TYR A 170 0.84 1.50 -14.13
C TYR A 170 1.26 2.95 -14.04
N ARG A 171 1.06 3.66 -15.15
CA ARG A 171 1.33 5.08 -15.26
C ARG A 171 0.10 5.71 -15.89
N ARG A 172 -0.28 6.88 -15.39
CA ARG A 172 -1.40 7.59 -15.99
C ARG A 172 -1.07 7.94 -17.44
N LEU A 173 -2.03 7.72 -18.34
CA LEU A 173 -1.84 8.11 -19.72
C LEU A 173 -1.65 9.59 -19.84
PA NAP B . -7.75 2.52 5.84
O1A NAP B . -7.97 3.08 4.46
O2A NAP B . -6.36 2.10 6.19
O5B NAP B . -8.19 3.57 6.98
C5B NAP B . -9.55 4.05 7.11
C4B NAP B . -9.52 5.24 8.05
O4B NAP B . -8.92 6.38 7.38
C3B NAP B . -10.88 5.74 8.53
O3B NAP B . -11.34 4.88 9.57
C2B NAP B . -10.53 7.17 8.93
O2B NAP B . -9.73 7.21 10.13
C1B NAP B . -9.58 7.55 7.79
N9A NAP B . -10.23 8.19 6.67
C8A NAP B . -10.82 7.60 5.59
N7A NAP B . -11.33 8.47 4.75
C5A NAP B . -11.05 9.71 5.30
C6A NAP B . -11.31 11.02 4.87
N6A NAP B . -11.96 11.32 3.75
N1A NAP B . -10.86 12.04 5.66
C2A NAP B . -10.21 11.73 6.79
N3A NAP B . -9.92 10.53 7.31
C4A NAP B . -10.36 9.54 6.49
O3 NAP B . -8.76 1.32 6.13
PN NAP B . -9.29 0.05 5.32
O1N NAP B . -9.86 0.47 4.00
O2N NAP B . -10.17 -0.73 6.24
O5D NAP B . -7.93 -0.73 5.03
C5D NAP B . -7.34 -1.50 6.13
C4D NAP B . -7.07 -2.90 5.63
O4D NAP B . -6.19 -2.84 4.49
C3D NAP B . -6.34 -3.80 6.65
O3D NAP B . -6.77 -5.15 6.50
C2D NAP B . -4.88 -3.67 6.24
O2D NAP B . -4.17 -4.80 6.71
C1D NAP B . -5.07 -3.70 4.72
N1N NAP B . -3.95 -3.17 3.93
C2N NAP B . -3.45 -3.93 2.91
C3N NAP B . -2.40 -3.46 2.12
C7N NAP B . -1.88 -4.30 0.99
O7N NAP B . -1.04 -3.80 0.23
N7N NAP B . -2.33 -5.53 0.88
C4N NAP B . -1.88 -2.19 2.38
C5N NAP B . -2.39 -1.45 3.43
C6N NAP B . -3.41 -1.94 4.20
P2B NAP B . -10.53 7.48 11.52
O1X NAP B . -11.21 8.82 11.36
O2X NAP B . -11.47 6.33 11.74
O3X NAP B . -9.37 7.49 12.51
C1 XJZ C . 2.87 -3.63 -0.89
C2 XJZ C . 1.89 -2.04 0.41
C3 XJZ C . 2.02 -2.90 1.54
C4 XJZ C . 2.18 -1.46 3.51
C5 XJZ C . 1.50 -1.29 4.84
C6 XJZ C . 1.73 -2.45 5.78
C7 XJZ C . 3.59 -3.57 6.85
C20 XJZ C . 2.87 -7.20 4.32
C21 XJZ C . 2.90 -8.27 5.36
C22 XJZ C . 2.21 -7.40 3.13
C23 XJZ C . 2.14 -6.39 2.20
N2 XJZ C . 2.34 -2.40 -0.80
O1 XJZ C . 1.52 -2.53 2.79
O4 XJZ C . 9.31 -1.31 6.86
C10 XJZ C . 4.58 -5.66 8.38
C11 XJZ C . 5.44 -4.73 7.81
C12 XJZ C . 4.98 -3.67 7.04
C13 XJZ C . 5.93 -2.67 6.38
C14 XJZ C . 7.30 -2.56 7.03
C15 XJZ C . 8.26 -1.65 6.28
C16 XJZ C . 2.59 -4.14 1.35
C17 XJZ C . 2.78 -5.16 2.42
C18 XJZ C . 3.36 -4.94 3.66
C19 XJZ C . 3.44 -5.96 4.59
C8 XJZ C . 2.72 -4.49 7.43
C9 XJZ C . 3.22 -5.54 8.19
F1 XJZ C . 2.02 -8.01 6.32
F2 XJZ C . 4.06 -8.40 5.97
F3 XJZ C . 2.58 -9.50 4.90
N1 XJZ C . 3.35 -4.01 -2.09
N3 XJZ C . 1.25 -0.84 0.50
N4 XJZ C . 3.00 -4.51 0.13
O2 XJZ C . 3.15 -2.54 6.08
O3 XJZ C . 7.98 -1.26 5.13
N1 IMD D . -0.02 -18.80 -11.52
C2 IMD D . 1.12 -18.27 -12.10
N3 IMD D . 1.46 -19.06 -13.11
C4 IMD D . 0.57 -20.10 -13.18
C5 IMD D . -0.35 -19.92 -12.19
#